data_6I0L
#
_entry.id   6I0L
#
_cell.length_a   62.461
_cell.length_b   70.453
_cell.length_c   121.560
_cell.angle_alpha   90.000
_cell.angle_beta   90.000
_cell.angle_gamma   90.000
#
_symmetry.space_group_name_H-M   'P 21 21 21'
#
loop_
_entity.id
_entity.type
_entity.pdbx_description
1 polymer 'Carbonic anhydrase 1'
2 non-polymer 'ZINC ION'
3 non-polymer 1-[4-chloranyl-3-(trifluoromethyl)phenyl]-3-[2-(4-sulfamoylphenyl)ethyl]urea
4 non-polymer GLYCEROL
5 non-polymer 'ACETATE ION'
6 water water
#
_entity_poly.entity_id   1
_entity_poly.type   'polypeptide(L)'
_entity_poly.pdbx_seq_one_letter_code
;MASPDWGYDDKNGPEQWSKLYPIANGNNQSPVDIKTSETKHDTSLKPISVSYNPATAKEIINVGHSFHVNFEDNDNRSVL
KGGPFSDSYRLFQFHFHWGSTNEHGSEHTVDGVKYSAELHVAHWNSAKYSSLAEAASKADGLAVIGVLMKVGEANPKLQK
VLDALQAIKTKGKRAPFTNFDPSTLLPSSLDFWTYPGSLTHPPLYESVTWIICKESISVSSEQLAQFRSLLSNVEGDNAV
PMQHNNRPTQPLKGRTVRASF
;
_entity_poly.pdbx_strand_id   A,B
#
loop_
_chem_comp.id
_chem_comp.type
_chem_comp.name
_chem_comp.formula
ACT non-polymer 'ACETATE ION' 'C2 H3 O2 -1'
GOL non-polymer GLYCEROL 'C3 H8 O3'
GZH non-polymer 1-[4-chloranyl-3-(trifluoromethyl)phenyl]-3-[2-(4-sulfamoylphenyl)ethyl]urea 'C16 H15 Cl F3 N3 O3 S'
ZN non-polymer 'ZINC ION' 'Zn 2'
#
# COMPACT_ATOMS: atom_id res chain seq x y z
N ASP A 5 -22.75 -12.56 26.81
CA ASP A 5 -23.40 -11.37 26.19
C ASP A 5 -22.35 -10.32 25.76
N TRP A 6 -22.47 -9.85 24.52
CA TRP A 6 -21.50 -8.89 23.96
C TRP A 6 -21.99 -7.43 24.10
N GLY A 7 -21.04 -6.49 24.18
CA GLY A 7 -21.35 -5.06 24.18
C GLY A 7 -20.16 -4.23 23.76
N TYR A 8 -20.03 -3.05 24.37
CA TYR A 8 -18.94 -2.15 24.06
C TYR A 8 -18.06 -1.77 25.25
N ASP A 9 -18.44 -2.19 26.46
CA ASP A 9 -17.56 -1.96 27.63
C ASP A 9 -16.38 -2.93 27.63
N ASP A 10 -15.45 -2.79 28.58
CA ASP A 10 -14.17 -3.53 28.50
C ASP A 10 -14.27 -5.05 28.75
N LYS A 11 -15.30 -5.47 29.48
CA LYS A 11 -15.56 -6.88 29.77
C LYS A 11 -16.11 -7.61 28.54
N ASN A 12 -17.01 -6.97 27.79
CA ASN A 12 -17.70 -7.64 26.68
C ASN A 12 -17.50 -6.98 25.29
N GLY A 13 -16.49 -6.11 25.18
CA GLY A 13 -16.33 -5.21 24.03
C GLY A 13 -15.50 -5.70 22.84
N PRO A 14 -15.26 -4.83 21.84
CA PRO A 14 -14.56 -5.20 20.61
C PRO A 14 -13.30 -6.07 20.74
N GLU A 15 -12.50 -5.85 21.78
CA GLU A 15 -11.26 -6.61 21.98
C GLU A 15 -11.49 -8.03 22.53
N GLN A 16 -12.71 -8.28 23.00
CA GLN A 16 -13.14 -9.54 23.61
C GLN A 16 -13.97 -10.40 22.68
N TRP A 17 -14.58 -9.78 21.66
CA TRP A 17 -15.51 -10.46 20.75
C TRP A 17 -14.95 -11.75 20.14
N SER A 18 -13.63 -11.80 19.90
CA SER A 18 -13.00 -12.97 19.23
C SER A 18 -13.18 -14.27 20.02
N LYS A 19 -13.45 -14.17 21.31
CA LYS A 19 -13.64 -15.33 22.20
C LYS A 19 -14.84 -16.22 21.86
N LEU A 20 -16.00 -15.60 21.63
CA LEU A 20 -17.18 -16.34 21.11
C LEU A 20 -17.33 -16.22 19.60
N TYR A 21 -16.74 -15.16 19.03
CA TYR A 21 -16.79 -14.93 17.59
C TYR A 21 -15.40 -14.85 16.97
N PRO A 22 -14.79 -16.02 16.69
CA PRO A 22 -13.43 -16.02 16.10
C PRO A 22 -13.31 -15.32 14.76
N ILE A 23 -14.43 -15.15 14.03
CA ILE A 23 -14.42 -14.43 12.77
C ILE A 23 -14.00 -12.95 12.97
N ALA A 24 -13.99 -12.48 14.22
CA ALA A 24 -13.52 -11.11 14.53
C ALA A 24 -12.09 -10.86 14.06
N ASN A 25 -11.28 -11.93 14.03
CA ASN A 25 -9.91 -11.91 13.50
C ASN A 25 -9.83 -12.37 12.03
N GLY A 26 -10.96 -12.32 11.31
CA GLY A 26 -11.02 -12.74 9.93
C GLY A 26 -10.29 -11.85 8.95
N ASN A 27 -10.42 -12.20 7.68
CA ASN A 27 -9.76 -11.50 6.57
C ASN A 27 -10.62 -10.46 5.86
N ASN A 28 -11.91 -10.39 6.23
CA ASN A 28 -12.82 -9.41 5.60
C ASN A 28 -13.60 -8.65 6.64
N GLN A 29 -12.92 -8.21 7.70
CA GLN A 29 -13.59 -7.49 8.81
C GLN A 29 -13.77 -5.99 8.58
N SER A 30 -14.81 -5.42 9.19
CA SER A 30 -15.14 -4.00 9.07
C SER A 30 -15.30 -3.39 10.48
N PRO A 31 -15.09 -2.08 10.67
CA PRO A 31 -14.79 -1.08 9.63
C PRO A 31 -13.28 -1.04 9.29
N VAL A 32 -12.93 -0.18 8.36
CA VAL A 32 -11.54 -0.04 7.91
C VAL A 32 -11.22 1.43 7.81
N ASP A 33 -9.92 1.75 7.83
CA ASP A 33 -9.42 3.08 7.44
C ASP A 33 -9.26 3.10 5.92
N ILE A 34 -9.87 4.07 5.27
CA ILE A 34 -9.80 4.18 3.84
C ILE A 34 -8.64 5.15 3.55
N LYS A 35 -7.55 4.62 3.00
CA LYS A 35 -6.40 5.45 2.58
C LYS A 35 -6.58 5.85 1.12
N THR A 36 -6.73 7.14 0.87
CA THR A 36 -7.21 7.60 -0.43
C THR A 36 -6.13 7.44 -1.50
N SER A 37 -4.87 7.39 -1.06
CA SER A 37 -3.75 7.18 -1.99
C SER A 37 -3.64 5.72 -2.42
N GLU A 38 -4.32 4.83 -1.69
CA GLU A 38 -4.30 3.38 -2.02
C GLU A 38 -5.62 2.88 -2.68
N THR A 39 -6.61 3.76 -2.83
CA THR A 39 -7.85 3.37 -3.50
C THR A 39 -7.65 3.21 -5.02
N LYS A 40 -8.47 2.38 -5.65
CA LYS A 40 -8.42 2.16 -7.09
C LYS A 40 -9.69 2.66 -7.75
N HIS A 41 -9.56 3.65 -8.63
CA HIS A 41 -10.72 4.12 -9.38
C HIS A 41 -11.21 3.02 -10.34
N ASP A 42 -12.53 2.77 -10.32
CA ASP A 42 -13.15 1.73 -11.14
C ASP A 42 -14.29 2.32 -11.99
N THR A 43 -14.00 2.45 -13.31
CA THR A 43 -14.93 3.01 -14.31
C THR A 43 -16.16 2.12 -14.52
N SER A 44 -16.06 0.86 -14.11
CA SER A 44 -17.20 -0.06 -14.21
C SER A 44 -18.29 0.15 -13.15
N LEU A 45 -17.97 0.83 -12.04
CA LEU A 45 -18.96 1.14 -10.99
C LEU A 45 -20.04 2.11 -11.49
N LYS A 46 -21.30 1.74 -11.29
CA LYS A 46 -22.43 2.56 -11.74
C LYS A 46 -22.84 3.54 -10.62
N PRO A 47 -23.64 4.57 -10.93
CA PRO A 47 -24.15 5.40 -9.83
C PRO A 47 -24.98 4.57 -8.85
N ILE A 48 -25.01 5.02 -7.60
CA ILE A 48 -25.93 4.45 -6.60
C ILE A 48 -27.32 4.98 -6.85
N SER A 49 -28.30 4.08 -6.83
CA SER A 49 -29.69 4.43 -7.01
C SER A 49 -30.48 3.95 -5.77
N VAL A 50 -31.07 4.89 -5.03
CA VAL A 50 -31.99 4.52 -3.92
C VAL A 50 -33.40 4.99 -4.18
N SER A 51 -34.35 4.10 -3.95
CA SER A 51 -35.74 4.41 -4.15
C SER A 51 -36.51 3.77 -3.00
N TYR A 52 -36.80 4.59 -2.00
CA TYR A 52 -37.43 4.12 -0.76
C TYR A 52 -38.82 4.69 -0.60
N ASN A 53 -39.73 3.82 -0.18
CA ASN A 53 -41.11 4.19 0.03
C ASN A 53 -41.31 4.49 1.52
N PRO A 54 -41.74 5.73 1.88
CA PRO A 54 -41.91 6.08 3.30
C PRO A 54 -42.92 5.21 4.04
N ALA A 55 -43.85 4.59 3.32
CA ALA A 55 -44.81 3.61 3.90
C ALA A 55 -44.17 2.34 4.48
N THR A 56 -42.93 2.02 4.08
CA THR A 56 -42.20 0.84 4.62
C THR A 56 -41.63 1.05 6.03
N ALA A 57 -41.55 2.30 6.50
CA ALA A 57 -41.06 2.58 7.84
C ALA A 57 -42.02 1.91 8.86
N LYS A 58 -41.46 1.16 9.81
CA LYS A 58 -42.25 0.35 10.75
C LYS A 58 -42.09 0.73 12.22
N GLU A 59 -40.86 0.65 12.77
CA GLU A 59 -40.67 0.63 14.20
C GLU A 59 -39.30 1.11 14.61
N ILE A 60 -39.23 1.76 15.77
CA ILE A 60 -37.96 2.15 16.39
C ILE A 60 -37.79 1.37 17.69
N ILE A 61 -36.60 0.84 17.92
CA ILE A 61 -36.37 -0.07 19.05
C ILE A 61 -35.07 0.25 19.75
N ASN A 62 -35.12 0.30 21.09
CA ASN A 62 -33.91 0.37 21.89
C ASN A 62 -33.35 -1.03 22.08
N VAL A 63 -32.19 -1.29 21.48
CA VAL A 63 -31.58 -2.62 21.51
C VAL A 63 -30.43 -2.78 22.51
N GLY A 64 -30.36 -1.85 23.47
CA GLY A 64 -29.39 -1.94 24.57
C GLY A 64 -28.04 -1.34 24.25
N HIS A 65 -27.46 -1.74 23.11
CA HIS A 65 -26.18 -1.15 22.66
C HIS A 65 -26.37 0.03 21.71
N SER A 66 -27.60 0.19 21.21
CA SER A 66 -27.91 1.11 20.13
C SER A 66 -29.43 1.25 20.01
N PHE A 67 -29.88 1.92 18.96
CA PHE A 67 -31.28 1.87 18.58
C PHE A 67 -31.37 1.59 17.09
N HIS A 68 -32.46 0.94 16.68
CA HIS A 68 -32.69 0.57 15.29
C HIS A 68 -34.01 1.13 14.76
N VAL A 69 -34.02 1.54 13.51
CA VAL A 69 -35.28 1.89 12.85
C VAL A 69 -35.48 0.84 11.77
N ASN A 70 -36.50 0.03 11.95
CA ASN A 70 -36.80 -1.08 11.06
C ASN A 70 -37.88 -0.80 10.04
N PHE A 71 -37.77 -1.47 8.89
CA PHE A 71 -38.67 -1.30 7.77
C PHE A 71 -39.32 -2.61 7.37
N GLU A 72 -40.56 -2.54 6.89
CA GLU A 72 -41.21 -3.70 6.28
C GLU A 72 -40.40 -4.08 5.05
N ASP A 73 -40.08 -5.36 4.94
CA ASP A 73 -39.24 -5.86 3.84
C ASP A 73 -39.85 -7.09 3.14
N ASN A 74 -41.18 -7.09 2.99
CA ASN A 74 -41.88 -8.19 2.34
C ASN A 74 -41.91 -8.06 0.81
N ASP A 75 -41.63 -6.87 0.31
CA ASP A 75 -41.58 -6.64 -1.14
C ASP A 75 -40.52 -5.59 -1.50
N ASN A 76 -40.47 -5.21 -2.78
CA ASN A 76 -39.47 -4.25 -3.29
C ASN A 76 -39.93 -2.81 -3.38
N ARG A 77 -40.75 -2.40 -2.42
CA ARG A 77 -41.12 -1.01 -2.32
C ARG A 77 -39.95 -0.05 -2.07
N SER A 78 -38.94 -0.55 -1.36
CA SER A 78 -37.77 0.24 -0.95
CA SER A 78 -37.78 0.26 -1.00
C SER A 78 -36.49 -0.51 -1.30
N VAL A 79 -35.74 -0.01 -2.29
CA VAL A 79 -34.59 -0.77 -2.81
C VAL A 79 -33.36 0.09 -3.12
N LEU A 80 -32.20 -0.56 -3.00
CA LEU A 80 -30.91 -0.05 -3.46
C LEU A 80 -30.48 -0.82 -4.71
N LYS A 81 -30.07 -0.08 -5.74
CA LYS A 81 -29.55 -0.62 -6.99
C LYS A 81 -28.31 0.14 -7.43
N GLY A 82 -27.60 -0.39 -8.42
CA GLY A 82 -26.44 0.30 -9.00
C GLY A 82 -25.16 0.03 -8.27
N GLY A 83 -24.25 1.00 -8.31
CA GLY A 83 -22.93 0.86 -7.76
C GLY A 83 -22.24 -0.38 -8.29
N PRO A 84 -21.72 -1.23 -7.38
CA PRO A 84 -21.09 -2.50 -7.75
C PRO A 84 -22.07 -3.64 -8.01
N PHE A 85 -23.37 -3.38 -7.90
CA PHE A 85 -24.36 -4.45 -7.79
C PHE A 85 -25.06 -4.72 -9.11
N SER A 86 -25.27 -6.00 -9.38
CA SER A 86 -26.17 -6.44 -10.44
C SER A 86 -27.58 -6.72 -9.88
N ASP A 87 -27.62 -7.14 -8.63
CA ASP A 87 -28.86 -7.45 -7.91
C ASP A 87 -29.44 -6.19 -7.26
N SER A 88 -30.76 -6.22 -7.08
CA SER A 88 -31.50 -5.24 -6.29
C SER A 88 -31.44 -5.67 -4.80
N TYR A 89 -31.20 -4.71 -3.89
CA TYR A 89 -31.13 -5.00 -2.45
C TYR A 89 -32.24 -4.29 -1.72
N ARG A 90 -32.88 -4.98 -0.80
CA ARG A 90 -34.08 -4.48 -0.17
C ARG A 90 -33.76 -3.83 1.18
N LEU A 91 -34.17 -2.57 1.37
CA LEU A 91 -34.00 -1.87 2.66
C LEU A 91 -34.63 -2.65 3.80
N PHE A 92 -33.91 -2.79 4.91
CA PHE A 92 -34.54 -3.35 6.13
C PHE A 92 -34.35 -2.53 7.40
N GLN A 93 -33.30 -1.69 7.46
CA GLN A 93 -33.02 -1.01 8.73
C GLN A 93 -32.09 0.17 8.50
N PHE A 94 -32.19 1.19 9.35
CA PHE A 94 -31.04 2.11 9.54
C PHE A 94 -30.74 2.31 11.03
N HIS A 95 -29.48 2.68 11.34
CA HIS A 95 -29.08 2.97 12.70
C HIS A 95 -27.81 3.81 12.66
N PHE A 96 -27.30 4.16 13.84
CA PHE A 96 -26.15 5.04 13.93
C PHE A 96 -25.15 4.39 14.84
N HIS A 97 -23.90 4.83 14.68
CA HIS A 97 -22.88 4.62 15.70
C HIS A 97 -22.35 5.98 16.13
N TRP A 98 -21.90 6.04 17.37
CA TRP A 98 -21.34 7.28 17.94
C TRP A 98 -20.30 6.92 19.01
N GLY A 99 -19.57 7.94 19.49
CA GLY A 99 -18.48 7.75 20.47
C GLY A 99 -18.70 8.53 21.75
N SER A 100 -17.80 8.33 22.72
CA SER A 100 -17.86 8.96 24.07
C SER A 100 -17.82 10.50 23.99
N THR A 101 -17.02 11.01 23.06
CA THR A 101 -16.93 12.46 22.84
C THR A 101 -16.96 12.75 21.35
N ASN A 102 -17.14 14.01 20.99
CA ASN A 102 -17.10 14.45 19.57
C ASN A 102 -15.87 14.00 18.76
N GLU A 103 -14.75 13.73 19.46
CA GLU A 103 -13.44 13.47 18.80
C GLU A 103 -13.38 12.14 18.06
N HIS A 104 -14.33 11.26 18.37
CA HIS A 104 -14.37 9.97 17.75
C HIS A 104 -15.83 9.52 17.77
N GLY A 105 -16.13 8.45 17.08
CA GLY A 105 -17.54 8.05 17.01
C GLY A 105 -17.92 7.36 15.74
N SER A 106 -17.32 7.78 14.62
CA SER A 106 -17.49 6.99 13.39
C SER A 106 -16.81 5.60 13.51
N GLU A 107 -17.23 4.69 12.64
CA GLU A 107 -16.60 3.36 12.55
C GLU A 107 -15.51 3.39 11.47
N HIS A 108 -15.89 3.73 10.24
CA HIS A 108 -14.90 3.96 9.19
C HIS A 108 -14.17 5.28 9.46
N THR A 109 -12.92 5.32 8.98
CA THR A 109 -12.09 6.53 9.01
C THR A 109 -11.57 6.75 7.60
N VAL A 110 -11.15 7.99 7.31
CA VAL A 110 -10.66 8.31 5.96
C VAL A 110 -9.32 9.02 6.14
N ASP A 111 -8.25 8.38 5.66
CA ASP A 111 -6.87 8.88 5.87
C ASP A 111 -6.57 9.14 7.32
N GLY A 112 -7.07 8.25 8.20
CA GLY A 112 -6.82 8.36 9.64
C GLY A 112 -7.77 9.24 10.42
N VAL A 113 -8.62 9.99 9.73
CA VAL A 113 -9.50 10.96 10.36
C VAL A 113 -10.76 10.26 10.90
N LYS A 114 -11.04 10.51 12.18
CA LYS A 114 -12.22 9.99 12.92
C LYS A 114 -13.30 11.06 12.89
N TYR A 115 -14.50 10.65 12.46
CA TYR A 115 -15.68 11.52 12.51
C TYR A 115 -16.49 11.28 13.80
N SER A 116 -17.55 12.08 14.02
CA SER A 116 -18.26 12.09 15.32
C SER A 116 -19.27 10.98 15.44
N ALA A 117 -19.79 10.54 14.29
CA ALA A 117 -20.82 9.50 14.27
C ALA A 117 -20.86 8.91 12.86
N GLU A 118 -21.69 7.88 12.65
CA GLU A 118 -21.79 7.21 11.35
C GLU A 118 -23.23 6.67 11.19
N LEU A 119 -23.82 6.93 10.05
CA LEU A 119 -25.15 6.41 9.69
C LEU A 119 -24.97 5.16 8.84
N HIS A 120 -25.71 4.11 9.17
CA HIS A 120 -25.71 2.83 8.39
C HIS A 120 -27.10 2.53 7.88
N VAL A 121 -27.24 2.38 6.56
CA VAL A 121 -28.53 2.08 5.92
C VAL A 121 -28.33 0.67 5.32
N ALA A 122 -29.04 -0.32 5.88
CA ALA A 122 -28.75 -1.73 5.60
C ALA A 122 -29.84 -2.38 4.73
N HIS A 123 -29.38 -3.24 3.83
CA HIS A 123 -30.21 -3.86 2.80
C HIS A 123 -29.81 -5.33 2.62
N TRP A 124 -30.73 -6.14 2.12
CA TRP A 124 -30.41 -7.56 1.84
C TRP A 124 -30.79 -7.96 0.43
N ASN A 125 -30.06 -8.95 -0.09
CA ASN A 125 -30.13 -9.35 -1.47
C ASN A 125 -31.36 -10.20 -1.70
N SER A 126 -32.45 -9.54 -2.11
CA SER A 126 -33.74 -10.20 -2.36
C SER A 126 -33.84 -10.82 -3.76
N ALA A 127 -32.83 -10.56 -4.61
CA ALA A 127 -32.77 -11.20 -5.94
C ALA A 127 -32.34 -12.66 -5.79
N LYS A 128 -31.39 -12.92 -4.90
CA LYS A 128 -30.83 -14.24 -4.69
C LYS A 128 -31.47 -15.01 -3.53
N TYR A 129 -31.94 -14.28 -2.52
CA TYR A 129 -32.37 -14.91 -1.24
C TYR A 129 -33.82 -14.57 -0.88
N SER A 130 -34.43 -15.41 -0.02
CA SER A 130 -35.84 -15.26 0.32
C SER A 130 -36.09 -14.43 1.57
N SER A 131 -35.07 -14.27 2.41
CA SER A 131 -35.23 -13.53 3.67
C SER A 131 -33.90 -12.92 4.11
N LEU A 132 -34.01 -11.93 5.00
CA LEU A 132 -32.83 -11.42 5.68
C LEU A 132 -32.05 -12.52 6.40
N ALA A 133 -32.75 -13.39 7.13
CA ALA A 133 -32.11 -14.49 7.86
C ALA A 133 -31.22 -15.37 6.96
N GLU A 134 -31.72 -15.73 5.77
CA GLU A 134 -30.92 -16.44 4.75
C GLU A 134 -29.72 -15.62 4.23
N ALA A 135 -29.99 -14.39 3.82
CA ALA A 135 -29.00 -13.49 3.20
C ALA A 135 -27.83 -13.11 4.11
N ALA A 136 -28.11 -12.99 5.42
CA ALA A 136 -27.17 -12.38 6.39
C ALA A 136 -25.81 -13.08 6.52
N SER A 137 -25.74 -14.37 6.23
CA SER A 137 -24.46 -15.06 6.33
C SER A 137 -23.75 -15.30 4.97
N LYS A 138 -24.35 -14.87 3.87
CA LYS A 138 -23.81 -15.10 2.50
C LYS A 138 -22.88 -13.97 2.08
N ALA A 139 -21.77 -14.29 1.38
CA ALA A 139 -20.82 -13.23 0.94
C ALA A 139 -21.45 -12.06 0.18
N ASP A 140 -22.49 -12.33 -0.61
CA ASP A 140 -23.18 -11.31 -1.38
C ASP A 140 -24.56 -10.97 -0.81
N GLY A 141 -24.74 -11.25 0.47
CA GLY A 141 -26.09 -11.16 1.07
C GLY A 141 -26.53 -9.76 1.50
N LEU A 142 -25.58 -8.95 1.97
CA LEU A 142 -25.91 -7.63 2.52
C LEU A 142 -25.20 -6.47 1.82
N ALA A 143 -25.88 -5.32 1.78
CA ALA A 143 -25.30 -4.06 1.25
C ALA A 143 -25.60 -2.98 2.30
N VAL A 144 -24.57 -2.31 2.81
CA VAL A 144 -24.78 -1.24 3.82
C VAL A 144 -24.13 0.05 3.27
N ILE A 145 -24.91 1.12 3.25
CA ILE A 145 -24.40 2.47 2.96
C ILE A 145 -23.97 3.07 4.29
N GLY A 146 -22.70 3.50 4.36
CA GLY A 146 -22.16 4.21 5.51
C GLY A 146 -21.97 5.68 5.15
N VAL A 147 -22.44 6.56 6.04
CA VAL A 147 -22.33 8.02 5.87
C VAL A 147 -21.64 8.59 7.10
N LEU A 148 -20.47 9.19 6.89
CA LEU A 148 -19.70 9.82 7.98
C LEU A 148 -20.40 11.08 8.45
N MET A 149 -20.48 11.27 9.77
CA MET A 149 -21.21 12.40 10.36
C MET A 149 -20.21 13.32 11.07
N LYS A 150 -20.09 14.54 10.54
CA LYS A 150 -19.14 15.54 11.02
C LYS A 150 -19.83 16.54 11.94
N VAL A 151 -19.30 16.64 13.16
CA VAL A 151 -19.84 17.59 14.15
C VAL A 151 -19.76 19.03 13.59
N GLY A 152 -20.87 19.74 13.71
CA GLY A 152 -21.00 21.13 13.26
C GLY A 152 -22.42 21.57 13.42
N GLU A 153 -23.04 22.03 12.34
CA GLU A 153 -24.42 22.54 12.37
C GLU A 153 -25.44 21.42 12.64
N ALA A 154 -26.49 21.77 13.40
CA ALA A 154 -27.61 20.84 13.62
C ALA A 154 -28.19 20.38 12.28
N ASN A 155 -28.51 19.08 12.20
CA ASN A 155 -29.05 18.51 10.99
C ASN A 155 -30.58 18.37 11.12
N PRO A 156 -31.36 19.20 10.41
CA PRO A 156 -32.82 19.11 10.55
C PRO A 156 -33.42 17.80 10.06
N LYS A 157 -32.77 17.11 9.13
CA LYS A 157 -33.32 15.83 8.63
C LYS A 157 -33.33 14.75 9.73
N LEU A 158 -32.51 14.91 10.76
CA LEU A 158 -32.50 13.97 11.89
C LEU A 158 -33.66 14.10 12.87
N GLN A 159 -34.53 15.10 12.65
CA GLN A 159 -35.53 15.55 13.62
C GLN A 159 -36.47 14.48 14.09
N LYS A 160 -37.17 13.84 13.13
CA LYS A 160 -38.12 12.78 13.44
C LYS A 160 -37.44 11.72 14.27
N VAL A 161 -36.23 11.31 13.87
CA VAL A 161 -35.52 10.24 14.58
C VAL A 161 -35.27 10.67 16.02
N LEU A 162 -34.70 11.87 16.18
CA LEU A 162 -34.37 12.36 17.52
C LEU A 162 -35.58 12.55 18.41
N ASP A 163 -36.65 13.08 17.84
CA ASP A 163 -37.93 13.25 18.56
C ASP A 163 -38.53 11.92 19.04
N ALA A 164 -38.20 10.83 18.36
CA ALA A 164 -38.75 9.50 18.72
C ALA A 164 -38.05 8.88 19.94
N LEU A 165 -36.83 9.32 20.28
CA LEU A 165 -36.03 8.65 21.29
C LEU A 165 -36.63 8.71 22.71
N GLN A 166 -37.33 9.79 23.03
CA GLN A 166 -37.99 9.89 24.35
C GLN A 166 -38.98 8.77 24.67
N ALA A 167 -39.51 8.11 23.64
CA ALA A 167 -40.44 6.98 23.82
C ALA A 167 -39.77 5.63 23.93
N ILE A 168 -38.45 5.56 23.72
CA ILE A 168 -37.72 4.30 23.77
C ILE A 168 -36.44 4.45 24.61
N LYS A 169 -36.55 5.12 25.76
CA LYS A 169 -35.35 5.45 26.55
C LYS A 169 -34.53 4.32 27.12
N THR A 170 -35.19 3.21 27.46
CA THR A 170 -34.55 2.09 28.11
C THR A 170 -34.66 0.83 27.23
N LYS A 171 -33.79 -0.11 27.53
CA LYS A 171 -33.58 -1.31 26.73
C LYS A 171 -34.85 -2.10 26.57
N GLY A 172 -35.14 -2.44 25.31
CA GLY A 172 -36.33 -3.23 24.96
C GLY A 172 -37.57 -2.45 24.59
N LYS A 173 -37.58 -1.15 24.90
CA LYS A 173 -38.72 -0.32 24.53
C LYS A 173 -38.78 -0.12 23.01
N ARG A 174 -39.99 -0.05 22.46
CA ARG A 174 -40.19 0.10 21.03
C ARG A 174 -41.43 0.88 20.76
N ALA A 175 -41.47 1.53 19.60
CA ALA A 175 -42.63 2.31 19.20
C ALA A 175 -42.80 2.27 17.70
N PRO A 176 -44.05 2.45 17.18
CA PRO A 176 -44.22 2.66 15.76
C PRO A 176 -43.39 3.86 15.28
N PHE A 177 -42.80 3.70 14.11
CA PHE A 177 -42.08 4.80 13.47
C PHE A 177 -42.43 4.72 12.01
N THR A 178 -43.29 5.62 11.53
CA THR A 178 -43.90 5.43 10.21
C THR A 178 -43.67 6.62 9.28
N ASN A 179 -43.88 6.39 7.99
CA ASN A 179 -43.96 7.46 7.00
C ASN A 179 -42.67 8.28 6.97
N PHE A 180 -41.58 7.53 6.75
CA PHE A 180 -40.24 8.12 6.75
C PHE A 180 -39.38 7.50 5.66
N ASP A 181 -38.78 8.37 4.85
CA ASP A 181 -37.90 7.98 3.76
C ASP A 181 -36.43 8.31 4.14
N PRO A 182 -35.59 7.29 4.45
CA PRO A 182 -34.25 7.60 4.99
C PRO A 182 -33.24 8.04 3.92
N SER A 183 -33.63 8.02 2.66
CA SER A 183 -32.80 8.67 1.61
C SER A 183 -32.69 10.20 1.84
N THR A 184 -33.61 10.77 2.62
CA THR A 184 -33.49 12.18 3.08
C THR A 184 -32.28 12.46 3.99
N LEU A 185 -31.72 11.41 4.58
CA LEU A 185 -30.54 11.51 5.45
C LEU A 185 -29.21 11.44 4.66
N LEU A 186 -29.27 11.01 3.41
CA LEU A 186 -28.05 10.81 2.60
C LEU A 186 -27.48 12.16 2.12
N PRO A 187 -26.16 12.23 1.87
CA PRO A 187 -25.58 13.50 1.35
C PRO A 187 -26.06 13.78 -0.08
N SER A 188 -25.85 14.99 -0.58
CA SER A 188 -26.38 15.27 -1.92
C SER A 188 -25.57 14.58 -3.04
N SER A 189 -24.26 14.42 -2.83
CA SER A 189 -23.43 13.60 -3.73
C SER A 189 -23.48 12.19 -3.20
N LEU A 190 -23.68 11.24 -4.11
CA LEU A 190 -23.55 9.83 -3.79
C LEU A 190 -22.27 9.18 -4.34
N ASP A 191 -21.25 10.02 -4.60
CA ASP A 191 -19.90 9.47 -4.83
C ASP A 191 -19.50 8.58 -3.67
N PHE A 192 -18.88 7.46 -3.96
CA PHE A 192 -18.62 6.49 -2.93
C PHE A 192 -17.32 5.66 -3.05
N TRP A 193 -16.93 5.07 -1.93
CA TRP A 193 -15.97 3.98 -1.91
C TRP A 193 -16.73 2.67 -1.70
N THR A 194 -16.17 1.57 -2.19
CA THR A 194 -16.74 0.23 -1.91
C THR A 194 -15.64 -0.78 -1.62
N TYR A 195 -15.92 -1.68 -0.68
CA TYR A 195 -15.03 -2.79 -0.36
C TYR A 195 -15.81 -3.96 0.26
N PRO A 196 -15.28 -5.19 0.13
CA PRO A 196 -15.94 -6.35 0.78
C PRO A 196 -15.60 -6.48 2.25
N GLY A 197 -16.62 -6.56 3.12
CA GLY A 197 -16.38 -6.56 4.53
C GLY A 197 -17.46 -7.26 5.31
N SER A 198 -17.72 -6.75 6.51
CA SER A 198 -18.48 -7.53 7.50
C SER A 198 -19.48 -6.67 8.26
N LEU A 199 -20.36 -7.34 9.02
CA LEU A 199 -21.07 -6.66 10.09
C LEU A 199 -20.04 -6.11 11.09
N THR A 200 -20.28 -4.92 11.62
CA THR A 200 -19.31 -4.32 12.54
C THR A 200 -19.48 -4.69 14.02
N HIS A 201 -20.45 -5.57 14.30
CA HIS A 201 -20.60 -6.15 15.62
C HIS A 201 -21.08 -7.60 15.49
N PRO A 202 -21.02 -8.38 16.59
CA PRO A 202 -21.49 -9.78 16.52
C PRO A 202 -22.88 -9.88 15.87
N PRO A 203 -23.07 -10.86 14.99
CA PRO A 203 -22.13 -11.97 14.77
C PRO A 203 -20.99 -11.77 13.76
N LEU A 204 -20.83 -10.55 13.25
CA LEU A 204 -19.59 -10.19 12.51
C LEU A 204 -19.41 -10.95 11.19
N TYR A 205 -20.53 -11.44 10.64
CA TYR A 205 -20.52 -12.17 9.35
C TYR A 205 -19.86 -11.35 8.28
N GLU A 206 -19.01 -11.99 7.46
CA GLU A 206 -18.36 -11.35 6.35
C GLU A 206 -19.24 -11.38 5.10
N SER A 207 -20.38 -10.69 5.22
CA SER A 207 -21.49 -10.73 4.27
C SER A 207 -21.86 -9.39 3.67
N VAL A 208 -21.07 -8.35 4.00
CA VAL A 208 -21.44 -6.99 3.62
C VAL A 208 -20.60 -6.39 2.50
N THR A 209 -21.27 -5.89 1.46
CA THR A 209 -20.63 -4.98 0.49
C THR A 209 -20.85 -3.56 1.01
N TRP A 210 -19.76 -2.92 1.41
CA TRP A 210 -19.84 -1.55 1.94
C TRP A 210 -19.87 -0.50 0.86
N ILE A 211 -20.72 0.51 1.05
CA ILE A 211 -20.79 1.67 0.19
C ILE A 211 -20.58 2.86 1.12
N ILE A 212 -19.38 3.48 1.07
CA ILE A 212 -19.07 4.58 1.99
C ILE A 212 -19.12 5.86 1.19
N CYS A 213 -19.98 6.80 1.60
CA CYS A 213 -20.09 8.08 0.89
C CYS A 213 -18.84 8.95 1.14
N LYS A 214 -18.40 9.63 0.08
CA LYS A 214 -17.29 10.57 0.15
C LYS A 214 -17.71 11.82 0.95
N GLU A 215 -18.94 12.28 0.72
CA GLU A 215 -19.46 13.50 1.35
CA GLU A 215 -19.46 13.50 1.35
C GLU A 215 -20.03 13.15 2.73
N SER A 216 -19.66 13.94 3.75
CA SER A 216 -20.21 13.77 5.11
C SER A 216 -21.57 14.46 5.20
N ILE A 217 -22.31 14.13 6.27
CA ILE A 217 -23.47 14.92 6.66
C ILE A 217 -23.18 15.51 8.04
N SER A 218 -23.93 16.56 8.38
CA SER A 218 -23.71 17.25 9.63
CA SER A 218 -23.72 17.26 9.65
C SER A 218 -24.49 16.65 10.81
N VAL A 219 -24.04 16.95 12.02
CA VAL A 219 -24.73 16.60 13.27
C VAL A 219 -24.23 17.64 14.28
N SER A 220 -25.13 18.11 15.16
CA SER A 220 -24.65 19.05 16.19
C SER A 220 -24.15 18.31 17.42
N SER A 221 -23.32 18.98 18.23
CA SER A 221 -22.87 18.48 19.53
CA SER A 221 -22.86 18.44 19.52
C SER A 221 -24.06 18.05 20.41
N GLU A 222 -25.15 18.80 20.30
CA GLU A 222 -26.36 18.55 21.14
C GLU A 222 -27.15 17.36 20.58
N GLN A 223 -27.16 17.23 19.25
CA GLN A 223 -27.74 16.03 18.63
C GLN A 223 -27.04 14.73 19.05
N LEU A 224 -25.71 14.75 19.11
CA LEU A 224 -24.94 13.63 19.60
C LEU A 224 -25.22 13.33 21.06
N ALA A 225 -25.38 14.40 21.86
CA ALA A 225 -25.77 14.24 23.26
C ALA A 225 -27.07 13.44 23.40
N GLN A 226 -28.03 13.66 22.51
CA GLN A 226 -29.32 12.89 22.51
C GLN A 226 -29.08 11.39 22.32
N PHE A 227 -28.23 10.99 21.35
CA PHE A 227 -27.81 9.57 21.23
C PHE A 227 -27.26 9.03 22.55
N ARG A 228 -26.36 9.79 23.17
CA ARG A 228 -25.63 9.34 24.36
C ARG A 228 -26.49 9.30 25.61
N SER A 229 -27.64 9.97 25.56
CA SER A 229 -28.53 9.95 26.71
C SER A 229 -29.53 8.81 26.61
N LEU A 230 -29.52 8.06 25.52
CA LEU A 230 -30.25 6.75 25.55
C LEU A 230 -29.68 5.85 26.62
N LEU A 231 -30.53 5.00 27.21
CA LEU A 231 -30.05 4.18 28.32
C LEU A 231 -29.97 2.71 27.90
N SER A 232 -28.93 2.05 28.37
CA SER A 232 -28.66 0.64 28.04
C SER A 232 -29.30 -0.35 29.02
N ASN A 233 -29.73 0.16 30.17
CA ASN A 233 -30.34 -0.65 31.22
C ASN A 233 -31.84 -0.76 30.96
N VAL A 234 -32.50 -1.72 31.62
CA VAL A 234 -33.96 -1.81 31.52
C VAL A 234 -34.61 -0.87 32.52
N GLU A 235 -35.85 -0.50 32.24
CA GLU A 235 -36.63 0.39 33.10
C GLU A 235 -36.56 -0.06 34.56
N GLY A 236 -36.31 0.88 35.47
CA GLY A 236 -36.36 0.56 36.90
C GLY A 236 -34.97 0.30 37.45
N ASP A 237 -34.02 -0.04 36.60
CA ASP A 237 -32.62 -0.26 37.03
C ASP A 237 -31.86 1.07 37.08
N ASN A 238 -30.67 1.04 37.69
CA ASN A 238 -29.74 2.18 37.70
C ASN A 238 -29.43 2.57 36.25
N ALA A 239 -29.46 3.88 35.98
CA ALA A 239 -29.30 4.38 34.60
C ALA A 239 -27.88 4.15 34.09
N VAL A 240 -27.74 3.62 32.88
CA VAL A 240 -26.42 3.39 32.26
C VAL A 240 -26.53 3.99 30.84
N PRO A 241 -26.08 5.26 30.67
CA PRO A 241 -26.08 5.88 29.36
C PRO A 241 -25.29 5.07 28.31
N MET A 242 -25.80 5.13 27.09
CA MET A 242 -25.24 4.47 25.93
C MET A 242 -24.14 5.39 25.39
N GLN A 243 -22.97 5.36 26.03
CA GLN A 243 -21.92 6.36 25.77
C GLN A 243 -21.22 6.23 24.39
N HIS A 244 -21.08 5.00 23.92
CA HIS A 244 -20.40 4.69 22.65
C HIS A 244 -20.74 3.29 22.12
N ASN A 245 -20.61 3.12 20.81
CA ASN A 245 -20.91 1.83 20.16
C ASN A 245 -20.17 1.68 18.81
N ASN A 246 -19.00 2.30 18.70
CA ASN A 246 -18.17 2.15 17.51
C ASN A 246 -17.02 1.14 17.65
N ARG A 247 -16.86 0.27 16.66
CA ARG A 247 -15.74 -0.68 16.63
C ARG A 247 -14.51 0.02 16.05
N PRO A 248 -13.31 -0.27 16.61
CA PRO A 248 -12.05 0.19 15.97
C PRO A 248 -11.89 -0.34 14.55
N THR A 249 -11.13 0.36 13.71
CA THR A 249 -10.86 -0.11 12.35
C THR A 249 -9.97 -1.36 12.37
N GLN A 250 -10.17 -2.19 11.35
CA GLN A 250 -9.62 -3.54 11.24
C GLN A 250 -8.69 -3.61 10.03
N PRO A 251 -7.73 -4.57 10.02
CA PRO A 251 -6.76 -4.71 8.91
C PRO A 251 -7.41 -5.05 7.58
N LEU A 252 -6.97 -4.38 6.51
CA LEU A 252 -7.49 -4.67 5.16
C LEU A 252 -7.15 -6.07 4.65
N LYS A 253 -6.05 -6.64 5.17
CA LYS A 253 -5.60 -7.98 4.77
C LYS A 253 -5.63 -8.16 3.24
N GLY A 254 -5.09 -7.16 2.52
CA GLY A 254 -5.01 -7.19 1.07
C GLY A 254 -6.22 -6.86 0.23
N ARG A 255 -7.35 -6.49 0.85
CA ARG A 255 -8.53 -6.09 0.09
C ARG A 255 -8.29 -4.77 -0.62
N THR A 256 -9.02 -4.54 -1.70
CA THR A 256 -8.94 -3.29 -2.43
C THR A 256 -10.18 -2.46 -2.15
N VAL A 257 -9.95 -1.20 -1.75
CA VAL A 257 -11.05 -0.24 -1.70
C VAL A 257 -11.14 0.45 -3.03
N ARG A 258 -12.28 0.30 -3.70
CA ARG A 258 -12.51 0.95 -4.98
C ARG A 258 -13.21 2.28 -4.80
N ALA A 259 -12.94 3.21 -5.72
CA ALA A 259 -13.56 4.52 -5.76
C ALA A 259 -14.43 4.68 -7.00
N SER A 260 -15.60 5.25 -6.83
CA SER A 260 -16.50 5.57 -7.95
C SER A 260 -16.15 6.91 -8.65
N PHE A 261 -15.13 7.58 -8.14
CA PHE A 261 -14.81 8.99 -8.48
C PHE A 261 -13.28 9.18 -8.48
N ASP B 5 26.15 -13.77 8.93
CA ASP B 5 25.89 -13.87 7.46
C ASP B 5 26.99 -13.17 6.64
N TRP B 6 26.63 -12.19 5.78
CA TRP B 6 27.63 -11.37 5.08
C TRP B 6 27.18 -9.93 5.13
N GLY B 7 28.13 -9.01 5.11
CA GLY B 7 27.81 -7.57 5.15
C GLY B 7 28.99 -6.77 4.67
N TYR B 8 29.14 -5.55 5.20
CA TYR B 8 30.24 -4.67 4.80
C TYR B 8 31.12 -4.21 5.95
N ASP B 9 30.73 -4.54 7.18
CA ASP B 9 31.56 -4.20 8.34
C ASP B 9 32.79 -5.12 8.46
N ASP B 10 33.68 -4.78 9.39
CA ASP B 10 34.98 -5.45 9.53
C ASP B 10 34.92 -6.98 9.85
N LYS B 11 33.82 -7.45 10.47
CA LYS B 11 33.67 -8.88 10.83
C LYS B 11 33.10 -9.76 9.71
N ASN B 12 32.32 -9.15 8.81
CA ASN B 12 31.61 -9.93 7.78
C ASN B 12 31.72 -9.34 6.36
N GLY B 13 32.66 -8.41 6.19
CA GLY B 13 32.77 -7.60 4.97
C GLY B 13 33.58 -8.23 3.87
N PRO B 14 33.91 -7.45 2.81
CA PRO B 14 34.54 -7.99 1.60
C PRO B 14 35.81 -8.80 1.79
N GLU B 15 36.65 -8.44 2.77
CA GLU B 15 37.88 -9.18 3.02
C GLU B 15 37.62 -10.59 3.61
N GLN B 16 36.40 -10.83 4.11
CA GLN B 16 35.97 -12.07 4.78
C GLN B 16 35.10 -12.96 3.91
N TRP B 17 34.53 -12.37 2.84
CA TRP B 17 33.52 -13.07 2.04
C TRP B 17 33.93 -14.43 1.47
N SER B 18 35.22 -14.60 1.15
CA SER B 18 35.72 -15.85 0.55
C SER B 18 35.51 -17.09 1.45
N LYS B 19 35.34 -16.86 2.75
CA LYS B 19 35.03 -17.95 3.73
C LYS B 19 33.71 -18.66 3.42
N LEU B 20 32.63 -17.87 3.29
CA LEU B 20 31.32 -18.41 2.92
C LEU B 20 31.16 -18.51 1.40
N TYR B 21 31.91 -17.69 0.66
CA TYR B 21 31.71 -17.62 -0.81
C TYR B 21 33.06 -17.67 -1.49
N PRO B 22 33.65 -18.88 -1.64
CA PRO B 22 34.99 -19.04 -2.20
C PRO B 22 35.22 -18.45 -3.59
N ILE B 23 34.17 -18.31 -4.39
CA ILE B 23 34.26 -17.67 -5.71
C ILE B 23 34.74 -16.19 -5.62
N ALA B 24 34.75 -15.62 -4.40
CA ALA B 24 35.25 -14.25 -4.14
C ALA B 24 36.68 -14.05 -4.61
N ASN B 25 37.44 -15.15 -4.61
CA ASN B 25 38.82 -15.17 -5.13
C ASN B 25 38.92 -15.70 -6.57
N GLY B 26 37.81 -15.73 -7.29
CA GLY B 26 37.77 -16.21 -8.69
C GLY B 26 38.47 -15.32 -9.70
N ASN B 27 38.42 -15.71 -10.96
CA ASN B 27 39.12 -15.01 -12.04
C ASN B 27 38.30 -13.97 -12.78
N ASN B 28 37.01 -13.87 -12.46
CA ASN B 28 36.13 -12.93 -13.18
C ASN B 28 35.32 -12.11 -12.20
N GLN B 29 35.99 -11.61 -11.17
CA GLN B 29 35.33 -10.89 -10.10
C GLN B 29 35.19 -9.40 -10.41
N SER B 30 34.12 -8.80 -9.87
CA SER B 30 33.83 -7.37 -10.02
C SER B 30 33.67 -6.67 -8.67
N PRO B 31 33.89 -5.34 -8.56
CA PRO B 31 34.22 -4.42 -9.66
C PRO B 31 35.70 -4.48 -10.01
N VAL B 32 36.09 -3.72 -11.03
CA VAL B 32 37.49 -3.59 -11.48
C VAL B 32 37.82 -2.12 -11.71
N ASP B 33 39.11 -1.81 -11.71
CA ASP B 33 39.59 -0.50 -12.18
C ASP B 33 39.68 -0.54 -13.70
N ILE B 34 39.19 0.50 -14.36
CA ILE B 34 39.35 0.59 -15.79
C ILE B 34 40.53 1.50 -16.10
N LYS B 35 41.61 0.92 -16.62
CA LYS B 35 42.82 1.68 -16.97
C LYS B 35 42.67 2.00 -18.46
N THR B 36 42.38 3.26 -18.73
CA THR B 36 41.98 3.71 -20.07
C THR B 36 43.08 3.57 -21.11
N SER B 37 44.34 3.61 -20.67
CA SER B 37 45.48 3.34 -21.56
C SER B 37 45.55 1.87 -22.07
N GLU B 38 44.90 0.96 -21.35
CA GLU B 38 44.89 -0.48 -21.67
C GLU B 38 43.59 -0.96 -22.33
N THR B 39 42.58 -0.10 -22.45
CA THR B 39 41.31 -0.50 -23.09
C THR B 39 41.50 -0.72 -24.59
N LYS B 40 40.69 -1.59 -25.16
CA LYS B 40 40.73 -1.88 -26.59
C LYS B 40 39.41 -1.50 -27.27
N HIS B 41 39.49 -0.70 -28.32
CA HIS B 41 38.31 -0.44 -29.14
C HIS B 41 37.89 -1.65 -30.00
N ASP B 42 36.61 -2.01 -29.91
CA ASP B 42 36.11 -3.19 -30.58
C ASP B 42 34.99 -2.74 -31.52
N THR B 43 35.20 -2.91 -32.84
CA THR B 43 34.25 -2.38 -33.83
C THR B 43 32.93 -3.17 -33.85
N SER B 44 32.91 -4.36 -33.24
CA SER B 44 31.70 -5.18 -33.20
C SER B 44 30.72 -4.68 -32.14
N LEU B 45 31.15 -3.75 -31.27
CA LEU B 45 30.23 -3.21 -30.24
C LEU B 45 29.24 -2.20 -30.82
N LYS B 46 27.94 -2.56 -30.85
CA LYS B 46 26.88 -1.66 -31.30
C LYS B 46 26.54 -0.65 -30.18
N PRO B 47 25.85 0.46 -30.52
CA PRO B 47 25.37 1.30 -29.43
C PRO B 47 24.39 0.52 -28.55
N ILE B 48 24.34 0.83 -27.26
CA ILE B 48 23.36 0.18 -26.40
C ILE B 48 22.01 0.87 -26.63
N SER B 49 20.94 0.10 -26.61
CA SER B 49 19.63 0.70 -26.70
C SER B 49 18.83 0.21 -25.48
N VAL B 50 18.31 1.17 -24.76
CA VAL B 50 17.47 0.84 -23.62
C VAL B 50 16.08 1.37 -23.94
N SER B 51 15.09 0.49 -23.86
CA SER B 51 13.69 0.88 -23.98
C SER B 51 12.91 0.26 -22.80
N TYR B 52 12.70 1.10 -21.81
CA TYR B 52 12.03 0.67 -20.61
C TYR B 52 10.59 1.18 -20.54
N ASN B 53 9.68 0.24 -20.41
CA ASN B 53 8.28 0.51 -20.16
C ASN B 53 8.08 0.91 -18.68
N PRO B 54 7.73 2.18 -18.41
CA PRO B 54 7.56 2.71 -17.03
C PRO B 54 6.46 2.01 -16.19
N ALA B 55 5.57 1.30 -16.86
CA ALA B 55 4.54 0.49 -16.18
C ALA B 55 5.10 -0.80 -15.53
N THR B 56 6.34 -1.16 -15.86
CA THR B 56 6.95 -2.36 -15.26
C THR B 56 7.52 -2.12 -13.85
N ALA B 57 7.65 -0.86 -13.47
CA ALA B 57 8.10 -0.50 -12.10
C ALA B 57 7.13 -1.13 -11.10
N LYS B 58 7.67 -1.76 -10.06
CA LYS B 58 6.82 -2.57 -9.13
C LYS B 58 6.94 -2.18 -7.65
N GLU B 59 8.15 -2.31 -7.10
CA GLU B 59 8.31 -2.27 -5.62
C GLU B 59 9.66 -1.74 -5.22
N ILE B 60 9.70 -0.98 -4.13
CA ILE B 60 10.97 -0.61 -3.51
C ILE B 60 11.10 -1.34 -2.18
N ILE B 61 12.31 -1.78 -1.85
CA ILE B 61 12.53 -2.67 -0.67
C ILE B 61 13.88 -2.44 0.00
N ASN B 62 13.89 -2.37 1.34
CA ASN B 62 15.10 -2.30 2.11
C ASN B 62 15.62 -3.72 2.31
N VAL B 63 16.82 -4.01 1.80
CA VAL B 63 17.42 -5.38 1.86
C VAL B 63 18.51 -5.49 2.93
N GLY B 64 18.54 -4.52 3.83
CA GLY B 64 19.50 -4.57 4.95
C GLY B 64 20.84 -3.95 4.65
N HIS B 65 21.47 -4.33 3.54
CA HIS B 65 22.77 -3.79 3.16
C HIS B 65 22.60 -2.69 2.09
N SER B 66 21.38 -2.56 1.57
CA SER B 66 21.07 -1.67 0.45
C SER B 66 19.56 -1.57 0.33
N PHE B 67 19.11 -0.90 -0.73
CA PHE B 67 17.70 -0.91 -1.10
C PHE B 67 17.64 -1.18 -2.60
N HIS B 68 16.55 -1.84 -3.02
CA HIS B 68 16.34 -2.22 -4.41
C HIS B 68 15.04 -1.68 -4.93
N VAL B 69 15.05 -1.27 -6.22
CA VAL B 69 13.81 -0.98 -6.93
C VAL B 69 13.61 -2.10 -7.95
N ASN B 70 12.57 -2.90 -7.76
CA ASN B 70 12.31 -4.05 -8.58
C ASN B 70 11.20 -3.81 -9.58
N PHE B 71 11.34 -4.49 -10.73
CA PHE B 71 10.46 -4.39 -11.90
C PHE B 71 9.81 -5.72 -12.23
N GLU B 72 8.58 -5.67 -12.75
CA GLU B 72 7.89 -6.86 -13.25
C GLU B 72 8.69 -7.43 -14.43
N ASP B 73 9.04 -8.71 -14.37
CA ASP B 73 9.93 -9.30 -15.40
C ASP B 73 9.42 -10.60 -16.05
N ASN B 74 8.11 -10.70 -16.18
CA ASN B 74 7.46 -11.90 -16.72
C ASN B 74 7.38 -11.86 -18.26
N ASP B 75 7.56 -10.66 -18.83
CA ASP B 75 7.66 -10.49 -20.29
C ASP B 75 8.85 -9.59 -20.69
N ASN B 76 8.99 -9.32 -22.00
CA ASN B 76 10.06 -8.46 -22.49
C ASN B 76 9.62 -7.04 -22.77
N ARG B 77 8.72 -6.47 -21.97
CA ARG B 77 8.34 -5.03 -22.10
C ARG B 77 9.47 -3.99 -21.85
N SER B 78 10.44 -4.35 -21.00
CA SER B 78 11.54 -3.46 -20.60
C SER B 78 12.83 -4.19 -20.85
N VAL B 79 13.54 -3.78 -21.91
CA VAL B 79 14.72 -4.53 -22.40
C VAL B 79 15.96 -3.66 -22.66
N LEU B 80 17.10 -4.30 -22.47
CA LEU B 80 18.38 -3.80 -22.96
C LEU B 80 18.79 -4.60 -24.21
N LYS B 81 19.22 -3.90 -25.25
CA LYS B 81 19.71 -4.51 -26.50
C LYS B 81 21.01 -3.82 -26.97
N GLY B 82 21.72 -4.48 -27.88
CA GLY B 82 22.89 -3.80 -28.50
C GLY B 82 24.15 -4.02 -27.71
N GLY B 83 25.09 -3.07 -27.83
CA GLY B 83 26.41 -3.24 -27.22
C GLY B 83 27.03 -4.57 -27.62
N PRO B 84 27.45 -5.38 -26.66
CA PRO B 84 28.13 -6.62 -26.95
C PRO B 84 27.14 -7.80 -27.12
N PHE B 85 25.85 -7.53 -27.09
CA PHE B 85 24.85 -8.61 -27.05
C PHE B 85 24.16 -8.83 -28.39
N SER B 86 23.83 -10.07 -28.71
CA SER B 86 22.88 -10.34 -29.80
C SER B 86 21.46 -10.65 -29.27
N ASP B 87 21.39 -11.07 -28.01
CA ASP B 87 20.14 -11.35 -27.27
C ASP B 87 19.64 -10.10 -26.57
N SER B 88 18.33 -9.98 -26.40
CA SER B 88 17.83 -8.95 -25.50
C SER B 88 17.81 -9.45 -24.02
N TYR B 89 18.03 -8.48 -23.14
CA TYR B 89 18.09 -8.71 -21.68
C TYR B 89 16.96 -7.92 -21.01
N ARG B 90 16.31 -8.59 -20.07
CA ARG B 90 15.07 -8.10 -19.48
C ARG B 90 15.44 -7.36 -18.18
N LEU B 91 15.01 -6.12 -18.06
CA LEU B 91 15.24 -5.29 -16.86
C LEU B 91 14.55 -5.95 -15.67
N PHE B 92 15.24 -6.01 -14.54
CA PHE B 92 14.56 -6.52 -13.32
C PHE B 92 14.72 -5.64 -12.10
N GLN B 93 15.78 -4.84 -12.05
CA GLN B 93 16.09 -4.07 -10.84
C GLN B 93 17.04 -2.93 -11.15
N PHE B 94 16.93 -1.84 -10.37
CA PHE B 94 18.11 -0.98 -10.17
C PHE B 94 18.37 -0.71 -8.69
N HIS B 95 19.62 -0.38 -8.38
CA HIS B 95 20.00 -0.01 -7.01
C HIS B 95 21.27 0.84 -7.03
N PHE B 96 21.76 1.25 -5.87
CA PHE B 96 22.96 2.06 -5.77
C PHE B 96 24.00 1.43 -4.82
N HIS B 97 25.23 1.89 -4.95
CA HIS B 97 26.26 1.65 -3.91
C HIS B 97 26.78 3.03 -3.53
N TRP B 98 27.15 3.16 -2.26
CA TRP B 98 27.78 4.39 -1.78
C TRP B 98 28.82 4.07 -0.69
N GLY B 99 29.55 5.09 -0.22
CA GLY B 99 30.61 4.88 0.76
C GLY B 99 30.39 5.70 2.03
N SER B 100 31.30 5.52 2.99
CA SER B 100 31.12 6.19 4.29
CA SER B 100 31.18 6.18 4.30
C SER B 100 31.39 7.69 4.16
N THR B 101 32.21 8.07 3.17
CA THR B 101 32.43 9.48 2.84
C THR B 101 32.10 9.74 1.36
N ASN B 102 31.95 11.01 1.02
CA ASN B 102 31.82 11.43 -0.40
C ASN B 102 33.02 11.07 -1.28
N GLU B 103 34.17 10.85 -0.67
CA GLU B 103 35.43 10.66 -1.42
C GLU B 103 35.52 9.32 -2.12
N HIS B 104 34.79 8.33 -1.62
CA HIS B 104 34.99 6.96 -2.05
C HIS B 104 33.72 6.16 -1.81
N GLY B 105 32.88 6.08 -2.84
CA GLY B 105 31.67 5.30 -2.71
C GLY B 105 31.31 4.46 -3.91
N SER B 106 31.95 4.72 -5.07
CA SER B 106 31.64 3.88 -6.26
C SER B 106 32.26 2.51 -6.08
N GLU B 107 31.92 1.58 -6.98
CA GLU B 107 32.57 0.26 -6.98
C GLU B 107 33.63 0.23 -8.08
N HIS B 108 33.23 0.51 -9.32
CA HIS B 108 34.19 0.67 -10.40
C HIS B 108 34.97 1.97 -10.20
N THR B 109 36.21 1.95 -10.69
CA THR B 109 37.07 3.14 -10.70
C THR B 109 37.62 3.28 -12.10
N VAL B 110 38.04 4.49 -12.47
CA VAL B 110 38.59 4.76 -13.79
C VAL B 110 39.93 5.45 -13.60
N ASP B 111 40.98 4.79 -14.11
CA ASP B 111 42.38 5.25 -13.88
C ASP B 111 42.62 5.55 -12.39
N GLY B 112 42.06 4.71 -11.53
CA GLY B 112 42.15 4.84 -10.08
C GLY B 112 41.29 5.88 -9.39
N VAL B 113 40.51 6.64 -10.14
CA VAL B 113 39.66 7.67 -9.56
C VAL B 113 38.41 6.97 -9.03
N LYS B 114 38.20 7.15 -7.73
CA LYS B 114 37.03 6.71 -7.01
C LYS B 114 35.97 7.80 -7.03
N TYR B 115 34.76 7.45 -7.46
CA TYR B 115 33.61 8.38 -7.46
C TYR B 115 32.81 8.27 -6.17
N SER B 116 31.79 9.12 -5.97
CA SER B 116 31.04 9.17 -4.71
C SER B 116 29.99 8.05 -4.53
N ALA B 117 29.49 7.51 -5.65
CA ALA B 117 28.43 6.51 -5.59
C ALA B 117 28.37 5.86 -6.98
N GLU B 118 27.53 4.85 -7.14
CA GLU B 118 27.39 4.15 -8.44
C GLU B 118 25.96 3.62 -8.54
N LEU B 119 25.34 3.80 -9.72
CA LEU B 119 24.05 3.22 -10.05
C LEU B 119 24.25 1.94 -10.83
N HIS B 120 23.49 0.91 -10.45
CA HIS B 120 23.48 -0.39 -11.19
C HIS B 120 22.08 -0.68 -11.69
N VAL B 121 21.96 -0.95 -13.00
CA VAL B 121 20.69 -1.28 -13.65
C VAL B 121 20.86 -2.71 -14.17
N ALA B 122 20.14 -3.66 -13.60
CA ALA B 122 20.37 -5.09 -13.80
C ALA B 122 19.28 -5.75 -14.68
N HIS B 123 19.73 -6.65 -15.55
CA HIS B 123 18.90 -7.30 -16.57
C HIS B 123 19.27 -8.79 -16.68
N TRP B 124 18.35 -9.64 -17.14
CA TRP B 124 18.68 -11.06 -17.34
C TRP B 124 18.35 -11.57 -18.75
N ASN B 125 19.07 -12.60 -19.18
CA ASN B 125 18.97 -13.08 -20.56
C ASN B 125 17.72 -13.96 -20.79
N SER B 126 16.68 -13.32 -21.30
CA SER B 126 15.39 -13.98 -21.53
C SER B 126 15.24 -14.62 -22.93
N ALA B 127 16.33 -14.63 -23.70
CA ALA B 127 16.36 -15.34 -24.97
C ALA B 127 16.86 -16.76 -24.78
N LYS B 128 17.84 -16.94 -23.90
CA LYS B 128 18.40 -18.26 -23.62
C LYS B 128 17.75 -18.93 -22.41
N TYR B 129 17.26 -18.12 -21.47
CA TYR B 129 16.73 -18.66 -20.20
C TYR B 129 15.30 -18.20 -19.99
N SER B 130 14.62 -18.90 -19.07
CA SER B 130 13.19 -18.66 -18.82
C SER B 130 12.92 -17.91 -17.54
N SER B 131 13.88 -17.94 -16.61
CA SER B 131 13.79 -17.23 -15.33
C SER B 131 15.11 -16.54 -14.93
N LEU B 132 14.99 -15.52 -14.08
CA LEU B 132 16.16 -14.92 -13.45
C LEU B 132 16.94 -15.97 -12.68
N ALA B 133 16.22 -16.87 -12.00
CA ALA B 133 16.82 -17.94 -11.23
C ALA B 133 17.78 -18.80 -12.08
N GLU B 134 17.39 -19.09 -13.31
CA GLU B 134 18.19 -19.93 -14.23
C GLU B 134 19.40 -19.16 -14.75
N ALA B 135 19.13 -17.95 -15.26
CA ALA B 135 20.14 -17.03 -15.82
C ALA B 135 21.23 -16.63 -14.84
N ALA B 136 20.86 -16.44 -13.56
CA ALA B 136 21.77 -15.83 -12.58
C ALA B 136 23.12 -16.49 -12.40
N SER B 137 23.22 -17.79 -12.69
CA SER B 137 24.46 -18.53 -12.48
C SER B 137 25.25 -18.75 -13.78
N LYS B 138 24.63 -18.42 -14.93
CA LYS B 138 25.22 -18.67 -16.26
C LYS B 138 26.15 -17.53 -16.69
N ALA B 139 27.30 -17.89 -17.29
CA ALA B 139 28.28 -16.89 -17.77
C ALA B 139 27.63 -15.76 -18.57
N ASP B 140 26.65 -16.09 -19.40
CA ASP B 140 25.96 -15.11 -20.24
C ASP B 140 24.55 -14.70 -19.72
N GLY B 141 24.32 -14.91 -18.42
CA GLY B 141 22.99 -14.74 -17.85
C GLY B 141 22.53 -13.33 -17.52
N LEU B 142 23.45 -12.52 -17.02
CA LEU B 142 23.10 -11.18 -16.53
C LEU B 142 23.84 -10.08 -17.30
N ALA B 143 23.21 -8.92 -17.37
CA ALA B 143 23.84 -7.69 -17.87
C ALA B 143 23.55 -6.53 -16.93
N VAL B 144 24.59 -5.83 -16.49
CA VAL B 144 24.40 -4.70 -15.58
C VAL B 144 25.06 -3.45 -16.16
N ILE B 145 24.28 -2.37 -16.24
CA ILE B 145 24.80 -1.03 -16.59
C ILE B 145 25.24 -0.35 -15.31
N GLY B 146 26.49 0.18 -15.31
CA GLY B 146 27.03 0.90 -14.15
C GLY B 146 27.25 2.33 -14.58
N VAL B 147 26.78 3.26 -13.72
CA VAL B 147 26.97 4.70 -13.93
C VAL B 147 27.62 5.29 -12.69
N LEU B 148 28.79 5.90 -12.90
CA LEU B 148 29.52 6.55 -11.84
C LEU B 148 28.83 7.84 -11.46
N MET B 149 28.78 8.10 -10.16
CA MET B 149 28.08 9.26 -9.63
C MET B 149 29.04 10.23 -8.93
N LYS B 150 29.10 11.44 -9.43
CA LYS B 150 30.09 12.41 -8.96
C LYS B 150 29.44 13.48 -8.06
N VAL B 151 29.93 13.58 -6.83
CA VAL B 151 29.38 14.57 -5.86
C VAL B 151 29.49 15.99 -6.42
N GLY B 152 28.36 16.71 -6.38
CA GLY B 152 28.30 18.10 -6.83
C GLY B 152 26.88 18.60 -6.69
N GLU B 153 26.30 19.08 -7.78
CA GLU B 153 24.92 19.54 -7.75
C GLU B 153 23.94 18.42 -7.49
N ALA B 154 22.86 18.73 -6.76
CA ALA B 154 21.74 17.80 -6.57
C ALA B 154 21.20 17.32 -7.90
N ASN B 155 20.98 16.01 -7.99
CA ASN B 155 20.44 15.42 -9.18
C ASN B 155 18.91 15.31 -9.07
N PRO B 156 18.14 16.11 -9.84
CA PRO B 156 16.70 16.07 -9.67
C PRO B 156 16.05 14.78 -10.13
N LYS B 157 16.71 14.02 -11.01
CA LYS B 157 16.17 12.76 -11.50
C LYS B 157 16.07 11.70 -10.40
N LEU B 158 16.83 11.91 -9.32
CA LEU B 158 16.83 11.01 -8.13
C LEU B 158 15.64 11.21 -7.20
N GLN B 159 14.88 12.28 -7.43
CA GLN B 159 13.82 12.75 -6.51
C GLN B 159 12.85 11.69 -6.06
N LYS B 160 12.18 11.04 -7.02
CA LYS B 160 11.15 10.05 -6.74
C LYS B 160 11.71 8.90 -5.91
N VAL B 161 12.91 8.43 -6.27
CA VAL B 161 13.56 7.37 -5.48
C VAL B 161 13.82 7.86 -4.05
N LEU B 162 14.48 9.02 -3.88
CA LEU B 162 14.79 9.53 -2.52
C LEU B 162 13.54 9.78 -1.65
N ASP B 163 12.46 10.26 -2.28
CA ASP B 163 11.16 10.52 -1.62
C ASP B 163 10.50 9.23 -1.14
N ALA B 164 10.80 8.12 -1.80
CA ALA B 164 10.24 6.81 -1.41
C ALA B 164 10.92 6.20 -0.16
N LEU B 165 12.13 6.66 0.14
CA LEU B 165 12.92 6.02 1.21
C LEU B 165 12.28 6.08 2.58
N GLN B 166 11.47 7.11 2.84
CA GLN B 166 10.85 7.27 4.16
C GLN B 166 9.92 6.13 4.50
N ALA B 167 9.42 5.43 3.47
CA ALA B 167 8.50 4.30 3.63
C ALA B 167 9.22 2.96 3.83
N ILE B 168 10.55 2.94 3.67
CA ILE B 168 11.29 1.67 3.71
C ILE B 168 12.50 1.78 4.62
N LYS B 169 12.32 2.41 5.78
CA LYS B 169 13.45 2.77 6.59
C LYS B 169 14.24 1.62 7.19
N THR B 170 13.58 0.50 7.53
CA THR B 170 14.27 -0.61 8.17
C THR B 170 14.25 -1.88 7.31
N LYS B 171 15.14 -2.81 7.65
CA LYS B 171 15.30 -4.07 6.89
C LYS B 171 14.01 -4.84 6.74
N GLY B 172 13.70 -5.20 5.48
CA GLY B 172 12.49 -5.93 5.17
C GLY B 172 11.28 -5.10 4.80
N LYS B 173 11.30 -3.79 5.08
CA LYS B 173 10.17 -2.95 4.67
C LYS B 173 10.16 -2.79 3.15
N ARG B 174 8.95 -2.74 2.61
CA ARG B 174 8.72 -2.58 1.16
C ARG B 174 7.49 -1.69 0.88
N ALA B 175 7.45 -1.12 -0.30
CA ALA B 175 6.32 -0.28 -0.70
C ALA B 175 6.16 -0.31 -2.20
N PRO B 176 4.94 -0.10 -2.73
CA PRO B 176 4.78 0.00 -4.18
C PRO B 176 5.62 1.16 -4.73
N PHE B 177 6.22 0.94 -5.89
CA PHE B 177 7.00 2.00 -6.58
C PHE B 177 6.66 1.81 -8.06
N THR B 178 5.85 2.72 -8.65
CA THR B 178 5.28 2.43 -9.96
C THR B 178 5.50 3.59 -10.90
N ASN B 179 5.27 3.32 -12.18
CA ASN B 179 5.31 4.34 -13.25
C ASN B 179 6.65 5.10 -13.21
N PHE B 180 7.74 4.37 -13.50
CA PHE B 180 9.11 4.95 -13.48
C PHE B 180 9.98 4.27 -14.50
N ASP B 181 10.58 5.11 -15.38
CA ASP B 181 11.53 4.68 -16.38
C ASP B 181 12.96 4.97 -15.90
N PRO B 182 13.73 3.92 -15.50
CA PRO B 182 15.06 4.24 -14.96
C PRO B 182 16.09 4.69 -16.01
N SER B 183 15.76 4.59 -17.30
CA SER B 183 16.66 5.21 -18.30
C SER B 183 16.80 6.73 -18.13
N THR B 184 15.89 7.37 -17.38
CA THR B 184 15.97 8.79 -17.03
C THR B 184 17.18 9.13 -16.14
N LEU B 185 17.74 8.10 -15.50
CA LEU B 185 18.88 8.24 -14.63
C LEU B 185 20.20 8.18 -15.35
N LEU B 186 20.19 7.64 -16.56
CA LEU B 186 21.40 7.51 -17.39
C LEU B 186 21.99 8.83 -17.90
N PRO B 187 23.33 8.86 -18.16
CA PRO B 187 23.90 10.09 -18.73
C PRO B 187 23.39 10.28 -20.20
N SER B 188 23.61 11.48 -20.75
CA SER B 188 23.12 11.82 -22.09
CA SER B 188 23.13 11.84 -22.10
C SER B 188 23.78 10.97 -23.17
N SER B 189 25.10 10.78 -23.06
CA SER B 189 25.84 9.89 -23.96
C SER B 189 25.96 8.50 -23.35
N LEU B 190 25.78 7.50 -24.19
CA LEU B 190 25.90 6.10 -23.77
C LEU B 190 27.14 5.38 -24.30
N ASP B 191 28.21 6.14 -24.56
CA ASP B 191 29.53 5.53 -24.80
C ASP B 191 29.86 4.66 -23.58
N PHE B 192 30.48 3.50 -23.81
CA PHE B 192 30.69 2.58 -22.69
C PHE B 192 31.94 1.75 -22.81
N TRP B 193 32.35 1.22 -21.67
CA TRP B 193 33.27 0.10 -21.57
C TRP B 193 32.51 -1.20 -21.22
N THR B 194 33.07 -2.34 -21.61
CA THR B 194 32.48 -3.65 -21.26
C THR B 194 33.54 -4.68 -20.94
N TYR B 195 33.25 -5.52 -19.96
CA TYR B 195 34.13 -6.61 -19.57
C TYR B 195 33.27 -7.71 -18.93
N PRO B 196 33.76 -8.97 -18.95
CA PRO B 196 33.11 -10.09 -18.28
C PRO B 196 33.43 -10.14 -16.79
N GLY B 197 32.39 -10.16 -15.96
CA GLY B 197 32.57 -10.13 -14.53
C GLY B 197 31.51 -10.81 -13.71
N SER B 198 31.27 -10.27 -12.52
CA SER B 198 30.51 -10.97 -11.50
C SER B 198 29.51 -10.03 -10.80
N LEU B 199 28.58 -10.62 -10.04
CA LEU B 199 27.89 -9.84 -9.00
C LEU B 199 28.90 -9.25 -8.05
N THR B 200 28.68 -8.00 -7.60
CA THR B 200 29.68 -7.36 -6.71
C THR B 200 29.49 -7.65 -5.21
N HIS B 201 28.49 -8.46 -4.89
CA HIS B 201 28.33 -8.94 -3.52
C HIS B 201 27.84 -10.41 -3.57
N PRO B 202 27.86 -11.12 -2.44
CA PRO B 202 27.39 -12.51 -2.41
C PRO B 202 26.01 -12.62 -3.04
N PRO B 203 25.78 -13.66 -3.85
CA PRO B 203 26.65 -14.84 -3.98
C PRO B 203 27.80 -14.74 -5.00
N LEU B 204 28.08 -13.53 -5.53
CA LEU B 204 29.31 -13.29 -6.33
C LEU B 204 29.45 -14.11 -7.61
N TYR B 205 28.32 -14.56 -8.16
CA TYR B 205 28.32 -15.36 -9.38
C TYR B 205 29.01 -14.64 -10.52
N GLU B 206 29.79 -15.39 -11.29
CA GLU B 206 30.50 -14.81 -12.44
C GLU B 206 29.67 -14.90 -13.70
N SER B 207 28.57 -14.17 -13.66
CA SER B 207 27.48 -14.29 -14.63
C SER B 207 27.14 -12.96 -15.30
N VAL B 208 27.95 -11.94 -15.03
CA VAL B 208 27.60 -10.58 -15.45
C VAL B 208 28.43 -10.03 -16.61
N THR B 209 27.78 -9.58 -17.67
CA THR B 209 28.43 -8.71 -18.66
C THR B 209 28.23 -7.28 -18.18
N TRP B 210 29.32 -6.64 -17.76
CA TRP B 210 29.28 -5.22 -17.35
C TRP B 210 29.30 -4.22 -18.49
N ILE B 211 28.46 -3.20 -18.39
CA ILE B 211 28.42 -2.07 -19.30
C ILE B 211 28.66 -0.85 -18.42
N ILE B 212 29.89 -0.30 -18.45
CA ILE B 212 30.20 0.88 -17.64
C ILE B 212 30.15 2.13 -18.50
N CYS B 213 29.29 3.08 -18.15
CA CYS B 213 29.16 4.31 -18.94
C CYS B 213 30.42 5.16 -18.77
N LYS B 214 30.91 5.69 -19.90
CA LYS B 214 32.01 6.64 -19.86
C LYS B 214 31.68 7.92 -19.09
N GLU B 215 30.46 8.40 -19.25
CA GLU B 215 30.04 9.63 -18.62
C GLU B 215 29.41 9.38 -17.26
N SER B 216 29.69 10.30 -16.33
CA SER B 216 29.14 10.24 -14.97
C SER B 216 27.83 11.05 -14.85
N ILE B 217 27.12 10.85 -13.74
CA ILE B 217 25.98 11.70 -13.40
C ILE B 217 26.26 12.33 -12.05
N SER B 218 25.51 13.39 -11.71
CA SER B 218 25.73 14.11 -10.44
CA SER B 218 25.68 14.13 -10.46
C SER B 218 24.89 13.53 -9.30
N VAL B 219 25.27 13.93 -8.08
CA VAL B 219 24.52 13.62 -6.84
C VAL B 219 25.05 14.63 -5.81
N SER B 220 24.18 15.14 -4.93
CA SER B 220 24.63 16.08 -3.92
C SER B 220 25.05 15.36 -2.66
N SER B 221 25.79 16.06 -1.80
CA SER B 221 26.20 15.52 -0.50
CA SER B 221 26.19 15.57 -0.49
C SER B 221 24.97 15.17 0.35
N GLU B 222 23.89 15.93 0.24
CA GLU B 222 22.66 15.68 1.03
C GLU B 222 21.84 14.50 0.51
N GLN B 223 21.87 14.31 -0.81
CA GLN B 223 21.29 13.12 -1.40
C GLN B 223 22.03 11.88 -0.95
N LEU B 224 23.37 11.92 -0.93
CA LEU B 224 24.11 10.75 -0.39
C LEU B 224 23.78 10.50 1.07
N ALA B 225 23.63 11.57 1.85
CA ALA B 225 23.24 11.38 3.26
C ALA B 225 21.87 10.71 3.40
N GLN B 226 20.92 10.98 2.50
CA GLN B 226 19.66 10.25 2.48
C GLN B 226 19.87 8.72 2.34
N PHE B 227 20.75 8.30 1.43
CA PHE B 227 21.11 6.86 1.33
C PHE B 227 21.61 6.32 2.68
N ARG B 228 22.52 7.07 3.32
CA ARG B 228 23.13 6.64 4.59
C ARG B 228 22.18 6.73 5.76
N SER B 229 21.02 7.34 5.54
CA SER B 229 19.98 7.46 6.57
CA SER B 229 20.01 7.44 6.61
C SER B 229 19.07 6.22 6.63
N LEU B 230 19.16 5.35 5.60
CA LEU B 230 18.43 4.06 5.66
C LEU B 230 19.07 3.21 6.76
N LEU B 231 18.28 2.31 7.34
CA LEU B 231 18.72 1.52 8.49
C LEU B 231 18.87 0.05 8.10
N SER B 232 19.96 -0.57 8.56
CA SER B 232 20.24 -1.99 8.30
C SER B 232 19.50 -2.94 9.24
N ASN B 233 18.98 -2.41 10.35
CA ASN B 233 18.34 -3.23 11.39
C ASN B 233 16.88 -3.39 11.08
N VAL B 234 16.23 -4.38 11.71
CA VAL B 234 14.78 -4.52 11.58
C VAL B 234 14.04 -3.56 12.52
N GLU B 235 12.79 -3.25 12.20
CA GLU B 235 11.94 -2.33 12.97
C GLU B 235 11.92 -2.70 14.45
N GLY B 236 12.06 -1.69 15.29
CA GLY B 236 12.05 -1.92 16.74
C GLY B 236 13.41 -2.06 17.39
N ASP B 237 14.40 -2.59 16.66
CA ASP B 237 15.77 -2.68 17.17
C ASP B 237 16.45 -1.31 17.13
N ASN B 238 17.61 -1.16 17.80
CA ASN B 238 18.35 0.12 17.78
C ASN B 238 18.78 0.40 16.34
N ALA B 239 18.53 1.64 15.92
CA ALA B 239 18.83 2.09 14.56
C ALA B 239 20.32 2.03 14.23
N VAL B 240 20.66 1.37 13.12
CA VAL B 240 22.04 1.22 12.65
C VAL B 240 22.05 1.73 11.19
N PRO B 241 22.63 2.92 10.97
CA PRO B 241 22.65 3.49 9.61
C PRO B 241 23.42 2.65 8.61
N MET B 242 22.91 2.63 7.38
CA MET B 242 23.51 1.93 6.26
C MET B 242 24.62 2.81 5.68
N GLN B 243 25.79 2.76 6.31
CA GLN B 243 26.84 3.73 6.02
C GLN B 243 27.57 3.53 4.71
N HIS B 244 27.73 2.29 4.28
CA HIS B 244 28.48 1.98 3.06
C HIS B 244 28.17 0.58 2.55
N ASN B 245 28.38 0.37 1.26
CA ASN B 245 28.07 -0.94 0.65
C ASN B 245 28.84 -1.17 -0.68
N ASN B 246 30.05 -0.58 -0.78
CA ASN B 246 30.88 -0.75 -1.98
C ASN B 246 32.02 -1.75 -1.78
N ARG B 247 32.20 -2.66 -2.74
CA ARG B 247 33.30 -3.63 -2.69
C ARG B 247 34.55 -3.02 -3.32
N PRO B 248 35.76 -3.29 -2.74
CA PRO B 248 37.00 -2.89 -3.42
C PRO B 248 37.15 -3.49 -4.83
N THR B 249 37.90 -2.82 -5.72
CA THR B 249 38.21 -3.38 -7.04
C THR B 249 39.04 -4.66 -6.92
N GLN B 250 38.82 -5.55 -7.87
CA GLN B 250 39.36 -6.91 -7.88
C GLN B 250 40.32 -7.10 -9.07
N PRO B 251 41.26 -8.09 -8.97
CA PRO B 251 42.23 -8.30 -10.06
C PRO B 251 41.59 -8.65 -11.41
N LEU B 252 42.08 -8.02 -12.48
CA LEU B 252 41.61 -8.35 -13.83
C LEU B 252 41.94 -9.76 -14.28
N LYS B 253 43.03 -10.34 -13.74
CA LYS B 253 43.47 -11.71 -14.03
C LYS B 253 43.41 -12.02 -15.52
N GLY B 254 43.95 -11.15 -16.35
CA GLY B 254 44.05 -11.41 -17.78
C GLY B 254 42.86 -10.97 -18.64
N ARG B 255 41.75 -10.55 -18.01
CA ARG B 255 40.61 -10.01 -18.75
C ARG B 255 40.92 -8.69 -19.48
N THR B 256 40.19 -8.46 -20.57
CA THR B 256 40.28 -7.25 -21.40
C THR B 256 39.03 -6.37 -21.19
N VAL B 257 39.26 -5.08 -20.94
CA VAL B 257 38.15 -4.11 -20.93
C VAL B 257 38.05 -3.54 -22.33
N ARG B 258 36.91 -3.75 -22.98
CA ARG B 258 36.70 -3.20 -24.33
C ARG B 258 35.99 -1.86 -24.28
N ALA B 259 36.31 -1.00 -25.24
CA ALA B 259 35.65 0.29 -25.39
C ALA B 259 34.81 0.39 -26.64
N SER B 260 33.64 1.03 -26.51
CA SER B 260 32.74 1.28 -27.63
C SER B 260 33.18 2.49 -28.46
N PHE B 261 34.09 3.26 -27.90
CA PHE B 261 34.44 4.58 -28.39
C PHE B 261 35.95 4.72 -28.45
ZN ZN C . -23.83 -0.27 11.98
C7 GZH D . -27.05 -4.99 10.33
C8 GZH D . -26.01 -4.11 10.04
C9 GZH D . -24.90 -4.07 10.87
N2 GZH D . -28.47 -9.03 11.03
C6 GZH D . -26.99 -5.83 11.45
C10 GZH D . -24.81 -4.90 11.97
C11 GZH D . -25.85 -5.77 12.25
S12 GZH D . -23.60 -2.92 10.51
O13 GZH D . -24.15 -1.99 9.57
O14 GZH D . -22.43 -3.68 10.17
N15 GZH D . -23.26 -2.10 11.86
C16 GZH D . -27.79 -8.17 11.98
C17 GZH D . -28.16 -6.72 11.80
C1 GOL E . -21.67 -16.30 -1.42
O1 GOL E . -22.24 -16.22 -2.74
C2 GOL E . -21.42 -17.74 -0.98
O2 GOL E . -22.66 -18.28 -0.54
C3 GOL E . -20.34 -17.84 0.12
O3 GOL E . -20.79 -17.27 1.38
C ACT F . -12.77 6.14 16.33
O ACT F . -12.39 6.32 17.53
OXT ACT F . -12.27 5.23 15.62
CH3 ACT F . -13.81 7.03 15.70
ZN ZN G . 25.24 -3.33 -7.46
C7 GZH H . 23.19 -8.99 -7.12
C8 GZH H . 24.18 -8.03 -7.34
C9 GZH H . 24.06 -7.18 -8.43
C1 GZH H . 20.46 -13.67 -8.16
O1 GZH H . 21.61 -14.07 -8.25
N2 GZH H . 20.13 -12.36 -8.31
N3 GZH H . 19.38 -14.49 -7.91
C6 GZH H . 22.09 -9.09 -7.96
C10 GZH H . 22.97 -7.27 -9.28
C11 GZH H . 21.99 -8.23 -9.04
S12 GZH H . 25.39 -6.06 -8.81
O13 GZH H . 24.88 -5.17 -9.82
O14 GZH H . 26.55 -6.84 -9.13
N15 GZH H . 25.75 -5.22 -7.52
C16 GZH H . 21.13 -11.34 -8.63
C17 GZH H . 21.02 -10.14 -7.70
C18 GZH H . 19.42 -15.89 -7.69
C19 GZH H . 20.63 -16.58 -7.68
C20 GZH H . 20.63 -17.96 -7.57
C21 GZH H . 19.43 -18.65 -7.47
C22 GZH H . 18.21 -17.97 -7.44
C23 GZH H . 18.22 -16.58 -7.56
C24 GZH H . 17.04 -18.46 -6.62
F25 GZH H . 17.36 -19.51 -5.85
F26 GZH H . 16.02 -18.84 -7.37
F27 GZH H . 16.57 -17.53 -5.81
CL1 GZH H . 19.50 -20.38 -7.44
C1 GOL I . 34.10 5.78 -35.31
O1 GOL I . 35.10 6.81 -35.26
C2 GOL I . 33.38 5.66 -33.96
O2 GOL I . 31.98 5.71 -34.20
C3 GOL I . 33.82 4.40 -33.17
O3 GOL I . 32.94 3.23 -33.18
C1 GOL J . 33.90 9.24 -15.62
O1 GOL J . 33.58 10.65 -15.58
C2 GOL J . 35.36 8.94 -16.02
O2 GOL J . 36.35 9.52 -15.14
C3 GOL J . 35.67 9.46 -17.42
O3 GOL J . 35.08 8.51 -18.28
#